data_1W74
#
_entry.id   1W74
#
_cell.length_a   65.349
_cell.length_b   65.349
_cell.length_c   102.493
_cell.angle_alpha   90.00
_cell.angle_beta   90.00
_cell.angle_gamma   120.00
#
_symmetry.space_group_name_H-M   'P 31'
#
loop_
_entity.id
_entity.type
_entity.pdbx_description
1 polymer 'PEPTIDYL-PROLYL CIS-TRANS ISOMERASE A'
2 water water
#
_entity_poly.entity_id   1
_entity_poly.type   'polypeptide(L)'
_entity_poly.pdbx_seq_one_letter_code
;MAHHHHHHSGADCDSVTNSPLATATATLHTNRGDIKIALFGNHAPKTVANFVGLAQGTKDYSTQNASGGPSGPFYDGAVF
HRVIQGFMIQGGDPTGTGRGGPGYKFADEFHPELQFDKPYLLAMANAGPGTNGSQFFITVGKTPHLNRRHTIFGEVIDAE
SQRVVEAISKTATDGNDRPTDPVVIESITIS
;
_entity_poly.pdbx_strand_id   A,B
#
# COMPACT_ATOMS: atom_id res chain seq x y z
N LEU A 21 -26.36 1.88 -19.12
CA LEU A 21 -26.38 1.33 -17.74
C LEU A 21 -25.30 1.94 -16.86
N ALA A 22 -24.08 2.07 -17.42
CA ALA A 22 -22.89 2.43 -16.65
C ALA A 22 -22.84 3.90 -16.18
N THR A 23 -22.34 4.11 -14.96
CA THR A 23 -22.21 5.47 -14.41
C THR A 23 -20.76 5.88 -14.15
N ALA A 24 -19.82 5.03 -14.53
CA ALA A 24 -18.40 5.32 -14.31
C ALA A 24 -17.55 4.19 -14.89
N THR A 25 -16.30 4.49 -15.13
CA THR A 25 -15.40 3.54 -15.78
C THR A 25 -14.20 3.29 -14.90
N ALA A 26 -13.75 2.05 -14.83
CA ALA A 26 -12.51 1.76 -14.14
C ALA A 26 -11.57 0.99 -15.05
N THR A 27 -10.29 1.34 -14.99
CA THR A 27 -9.26 0.64 -15.75
C THR A 27 -8.30 0.02 -14.77
N LEU A 28 -8.24 -1.31 -14.78
CA LEU A 28 -7.23 -2.02 -14.03
C LEU A 28 -5.97 -2.09 -14.90
N HIS A 29 -4.96 -1.28 -14.55
CA HIS A 29 -3.69 -1.35 -15.25
C HIS A 29 -2.85 -2.49 -14.68
N THR A 30 -2.93 -3.66 -15.31
CA THR A 30 -2.12 -4.80 -14.87
C THR A 30 -0.82 -4.98 -15.69
N ASN A 31 0.12 -5.70 -15.12
CA ASN A 31 1.34 -6.10 -15.80
C ASN A 31 1.09 -7.02 -17.03
N ARG A 32 -0.14 -7.49 -17.22
CA ARG A 32 -0.51 -8.26 -18.41
C ARG A 32 -1.51 -7.51 -19.32
N GLY A 33 -1.76 -6.25 -19.02
CA GLY A 33 -2.61 -5.39 -19.83
C GLY A 33 -3.66 -4.63 -19.03
N ASP A 34 -4.28 -3.67 -19.72
CA ASP A 34 -5.39 -2.89 -19.17
C ASP A 34 -6.75 -3.58 -19.33
N ILE A 35 -7.58 -3.46 -18.29
CA ILE A 35 -8.95 -3.94 -18.34
C ILE A 35 -9.89 -2.78 -18.00
N LYS A 36 -10.50 -2.19 -19.03
CA LYS A 36 -11.51 -1.15 -18.87
C LYS A 36 -12.85 -1.80 -18.55
N ILE A 37 -13.46 -1.38 -17.45
CA ILE A 37 -14.69 -1.97 -16.95
C ILE A 37 -15.71 -0.88 -16.72
N ALA A 38 -16.92 -1.08 -17.24
CA ALA A 38 -18.02 -0.17 -16.96
C ALA A 38 -18.63 -0.56 -15.61
N LEU A 39 -18.83 0.44 -14.74
CA LEU A 39 -19.38 0.24 -13.40
C LEU A 39 -20.85 0.63 -13.31
N PHE A 40 -21.64 -0.22 -12.68
CA PHE A 40 -23.09 -0.09 -12.62
C PHE A 40 -23.51 0.61 -11.32
N GLY A 41 -23.19 1.90 -11.22
CA GLY A 41 -23.45 2.67 -10.02
C GLY A 41 -24.92 2.80 -9.61
N ASN A 42 -25.84 2.73 -10.57
CA ASN A 42 -27.26 2.85 -10.29
C ASN A 42 -27.88 1.52 -9.90
N HIS A 43 -27.26 0.41 -10.27
CA HIS A 43 -27.78 -0.90 -9.87
C HIS A 43 -27.20 -1.42 -8.55
N ALA A 44 -25.92 -1.13 -8.31
CA ALA A 44 -25.20 -1.58 -7.13
C ALA A 44 -24.40 -0.40 -6.57
N PRO A 45 -25.11 0.60 -6.03
CA PRO A 45 -24.49 1.88 -5.60
C PRO A 45 -23.47 1.73 -4.48
N LYS A 46 -23.74 0.88 -3.50
CA LYS A 46 -22.82 0.69 -2.38
C LYS A 46 -21.56 -0.11 -2.78
N THR A 47 -21.75 -1.15 -3.60
CA THR A 47 -20.66 -1.97 -4.10
C THR A 47 -19.68 -1.20 -4.99
N VAL A 48 -20.23 -0.39 -5.91
CA VAL A 48 -19.44 0.45 -6.81
C VAL A 48 -18.75 1.55 -6.01
N ALA A 49 -19.47 2.12 -5.06
CA ALA A 49 -18.93 3.16 -4.22
C ALA A 49 -17.80 2.57 -3.39
N ASN A 50 -17.94 1.31 -2.93
CA ASN A 50 -16.88 0.60 -2.17
C ASN A 50 -15.65 0.34 -3.04
N PHE A 51 -15.84 -0.20 -4.24
CA PHE A 51 -14.74 -0.46 -5.18
C PHE A 51 -13.99 0.82 -5.55
N VAL A 52 -14.72 1.88 -5.89
CA VAL A 52 -14.13 3.17 -6.28
C VAL A 52 -13.37 3.83 -5.11
N GLY A 53 -14.01 3.80 -3.95
CA GLY A 53 -13.41 4.24 -2.72
C GLY A 53 -12.07 3.55 -2.43
N LEU A 54 -12.03 2.22 -2.49
CA LEU A 54 -10.78 1.52 -2.22
C LEU A 54 -9.73 1.83 -3.29
N ALA A 55 -10.16 1.83 -4.54
CA ALA A 55 -9.29 2.04 -5.69
C ALA A 55 -8.52 3.35 -5.57
N GLN A 56 -9.22 4.39 -5.12
CA GLN A 56 -8.68 5.75 -5.01
C GLN A 56 -8.05 6.11 -3.67
N GLY A 57 -8.29 5.33 -2.63
CA GLY A 57 -7.72 5.61 -1.33
C GLY A 57 -8.60 6.50 -0.50
N THR A 58 -9.84 6.64 -0.95
CA THR A 58 -10.87 7.49 -0.35
C THR A 58 -11.63 6.80 0.77
N LYS A 59 -11.76 5.48 0.68
CA LYS A 59 -12.46 4.71 1.69
C LYS A 59 -11.55 4.48 2.87
N ASP A 60 -12.20 4.48 4.03
CA ASP A 60 -11.58 4.24 5.30
C ASP A 60 -11.51 2.72 5.53
N TYR A 61 -10.40 2.10 5.19
CA TYR A 61 -10.20 0.67 5.47
C TYR A 61 -9.27 0.52 6.67
N SER A 62 -9.38 -0.57 7.39
CA SER A 62 -8.67 -0.73 8.66
C SER A 62 -7.54 -1.78 8.65
N THR A 63 -7.40 -2.53 7.56
CA THR A 63 -6.25 -3.42 7.37
C THR A 63 -5.18 -2.69 6.58
N GLN A 64 -4.21 -3.43 6.06
CA GLN A 64 -3.23 -2.85 5.19
C GLN A 64 -3.67 -2.99 3.75
N ASN A 65 -3.17 -2.09 2.93
CA ASN A 65 -3.40 -2.16 1.50
C ASN A 65 -2.45 -3.19 0.90
N ALA A 66 -2.54 -3.43 -0.40
CA ALA A 66 -1.73 -4.46 -1.03
C ALA A 66 -0.26 -4.08 -1.10
N SER A 67 0.07 -2.83 -0.76
CA SER A 67 1.47 -2.42 -0.65
C SER A 67 2.03 -2.47 0.79
N GLY A 68 1.24 -2.96 1.74
CA GLY A 68 1.66 -3.11 3.11
C GLY A 68 1.51 -1.90 4.00
N GLY A 69 0.93 -0.83 3.47
CA GLY A 69 0.84 0.42 4.21
C GLY A 69 -0.56 0.78 4.67
N PRO A 70 -0.67 1.84 5.48
CA PRO A 70 -1.93 2.18 6.15
C PRO A 70 -2.94 2.98 5.32
N SER A 71 -2.50 3.59 4.23
CA SER A 71 -3.37 4.46 3.45
C SER A 71 -2.97 4.61 1.98
N GLY A 72 -3.81 5.32 1.22
CA GLY A 72 -3.65 5.46 -0.21
C GLY A 72 -4.46 4.42 -0.96
N PRO A 73 -4.33 4.42 -2.29
CA PRO A 73 -4.96 3.38 -3.14
C PRO A 73 -4.74 1.91 -2.66
N PHE A 74 -5.87 1.26 -2.38
CA PHE A 74 -5.92 -0.02 -1.71
C PHE A 74 -5.45 -1.17 -2.59
N TYR A 75 -5.80 -1.16 -3.87
CA TYR A 75 -5.53 -2.28 -4.75
C TYR A 75 -4.18 -2.28 -5.48
N ASP A 76 -3.39 -1.21 -5.38
CA ASP A 76 -2.10 -1.13 -6.10
C ASP A 76 -1.15 -2.17 -5.55
N GLY A 77 -0.61 -3.01 -6.41
CA GLY A 77 0.20 -4.13 -5.99
C GLY A 77 -0.58 -5.38 -5.66
N ALA A 78 -1.90 -5.37 -5.87
CA ALA A 78 -2.73 -6.53 -5.59
C ALA A 78 -2.62 -7.53 -6.76
N VAL A 79 -2.67 -8.81 -6.44
CA VAL A 79 -2.62 -9.85 -7.45
C VAL A 79 -3.99 -10.48 -7.70
N PHE A 80 -4.12 -11.14 -8.87
CA PHE A 80 -5.20 -12.09 -9.13
C PHE A 80 -4.67 -13.44 -8.67
N HIS A 81 -5.08 -13.87 -7.47
CA HIS A 81 -4.54 -15.09 -6.82
C HIS A 81 -5.26 -16.38 -7.20
N ARG A 82 -6.41 -16.26 -7.86
CA ARG A 82 -7.22 -17.41 -8.19
C ARG A 82 -7.63 -17.22 -9.64
N VAL A 83 -7.13 -18.10 -10.49
CA VAL A 83 -7.45 -18.11 -11.91
C VAL A 83 -7.82 -19.53 -12.29
N ILE A 84 -9.02 -19.69 -12.84
CA ILE A 84 -9.52 -21.00 -13.24
C ILE A 84 -10.02 -20.86 -14.65
N GLN A 85 -9.40 -21.59 -15.57
CA GLN A 85 -9.66 -21.44 -17.02
C GLN A 85 -11.11 -21.72 -17.40
N GLY A 86 -11.70 -20.87 -18.24
CA GLY A 86 -13.11 -20.99 -18.59
C GLY A 86 -14.11 -20.76 -17.45
N PHE A 87 -13.69 -20.15 -16.34
CA PHE A 87 -14.59 -19.85 -15.22
C PHE A 87 -14.43 -18.35 -14.88
N MET A 88 -13.35 -17.98 -14.18
CA MET A 88 -13.12 -16.58 -13.81
C MET A 88 -11.69 -16.27 -13.31
N ILE A 89 -11.37 -14.99 -13.18
CA ILE A 89 -10.16 -14.53 -12.49
C ILE A 89 -10.56 -13.73 -11.27
N GLN A 90 -9.96 -14.01 -10.13
CA GLN A 90 -10.33 -13.39 -8.86
C GLN A 90 -9.11 -12.74 -8.19
N GLY A 91 -9.28 -11.49 -7.73
CA GLY A 91 -8.23 -10.79 -6.98
C GLY A 91 -8.76 -9.78 -5.99
N GLY A 92 -7.95 -8.80 -5.63
CA GLY A 92 -8.37 -7.73 -4.72
C GLY A 92 -8.20 -7.99 -3.23
N ASP A 93 -7.50 -9.07 -2.91
CA ASP A 93 -7.09 -9.37 -1.55
C ASP A 93 -5.77 -8.66 -1.30
N PRO A 94 -5.70 -7.76 -0.32
CA PRO A 94 -4.42 -7.10 -0.02
C PRO A 94 -3.29 -8.05 0.37
N THR A 95 -3.59 -9.21 0.99
CA THR A 95 -2.56 -10.21 1.32
C THR A 95 -2.28 -11.17 0.17
N GLY A 96 -3.12 -11.17 -0.85
CA GLY A 96 -2.95 -12.10 -1.94
C GLY A 96 -3.09 -13.58 -1.56
N THR A 97 -3.82 -13.88 -0.49
CA THR A 97 -4.03 -15.25 -0.04
C THR A 97 -5.43 -15.80 -0.24
N GLY A 98 -6.42 -14.94 -0.41
CA GLY A 98 -7.80 -15.35 -0.55
C GLY A 98 -8.59 -15.29 0.73
N ARG A 99 -7.92 -15.04 1.87
CA ARG A 99 -8.61 -14.91 3.16
C ARG A 99 -8.78 -13.46 3.64
N GLY A 100 -8.23 -12.51 2.90
CA GLY A 100 -8.17 -11.14 3.33
C GLY A 100 -9.19 -10.21 2.70
N GLY A 101 -9.16 -8.98 3.20
CA GLY A 101 -10.15 -7.97 2.94
C GLY A 101 -9.73 -6.61 3.52
N PRO A 102 -10.61 -5.62 3.43
CA PRO A 102 -10.31 -4.27 3.92
C PRO A 102 -10.65 -4.06 5.39
N GLY A 103 -11.01 -5.12 6.12
CA GLY A 103 -11.34 -5.01 7.53
C GLY A 103 -12.80 -4.83 7.87
N TYR A 104 -13.70 -5.04 6.91
CA TYR A 104 -15.15 -4.94 7.13
C TYR A 104 -15.88 -5.86 6.16
N LYS A 105 -17.12 -6.19 6.54
CA LYS A 105 -18.07 -6.88 5.67
C LYS A 105 -19.15 -5.92 5.25
N PHE A 106 -19.76 -6.13 4.09
CA PHE A 106 -20.95 -5.35 3.76
C PHE A 106 -21.95 -6.15 2.91
N ALA A 107 -23.17 -5.62 2.84
CA ALA A 107 -24.30 -6.32 2.22
C ALA A 107 -24.09 -6.59 0.73
N ASP A 108 -24.68 -7.69 0.26
CA ASP A 108 -24.87 -7.92 -1.18
C ASP A 108 -25.89 -6.94 -1.80
N GLU A 109 -25.87 -6.81 -3.12
CA GLU A 109 -26.83 -5.99 -3.89
C GLU A 109 -27.25 -6.68 -5.18
N PHE A 110 -28.23 -7.55 -5.11
CA PHE A 110 -28.73 -8.23 -6.30
C PHE A 110 -29.82 -7.38 -6.91
N HIS A 111 -29.77 -7.28 -8.23
CA HIS A 111 -30.72 -6.50 -9.02
C HIS A 111 -31.26 -7.44 -10.08
N PRO A 112 -32.57 -7.42 -10.29
CA PRO A 112 -33.20 -8.35 -11.26
C PRO A 112 -32.65 -8.18 -12.70
N GLU A 113 -32.19 -6.98 -13.09
CA GLU A 113 -31.60 -6.74 -14.41
C GLU A 113 -30.16 -7.25 -14.57
N LEU A 114 -29.55 -7.72 -13.48
CA LEU A 114 -28.17 -8.22 -13.52
C LEU A 114 -28.08 -9.71 -13.19
N GLN A 115 -27.60 -10.48 -14.14
CA GLN A 115 -27.39 -11.90 -13.92
C GLN A 115 -26.19 -12.34 -14.71
N PHE A 116 -25.74 -13.57 -14.47
CA PHE A 116 -24.51 -14.07 -15.08
C PHE A 116 -24.76 -14.77 -16.43
N ASP A 117 -25.36 -14.06 -17.37
CA ASP A 117 -25.76 -14.65 -18.66
C ASP A 117 -24.82 -14.26 -19.80
N LYS A 118 -23.75 -13.55 -19.46
CA LYS A 118 -22.68 -13.24 -20.40
C LYS A 118 -21.29 -13.28 -19.71
N PRO A 119 -20.23 -13.49 -20.50
CA PRO A 119 -18.88 -13.47 -19.93
C PRO A 119 -18.47 -12.03 -19.66
N TYR A 120 -17.39 -11.86 -18.90
CA TYR A 120 -16.75 -10.55 -18.69
C TYR A 120 -17.55 -9.65 -17.75
N LEU A 121 -18.02 -10.26 -16.67
CA LEU A 121 -18.76 -9.55 -15.64
C LEU A 121 -17.90 -9.40 -14.39
N LEU A 122 -17.83 -8.18 -13.87
CA LEU A 122 -17.17 -7.87 -12.60
C LEU A 122 -18.14 -8.12 -11.46
N ALA A 123 -17.76 -8.94 -10.51
CA ALA A 123 -18.60 -9.25 -9.37
C ALA A 123 -17.78 -9.38 -8.10
N MET A 124 -18.43 -9.43 -6.93
CA MET A 124 -17.74 -9.54 -5.65
C MET A 124 -17.60 -10.99 -5.24
N ALA A 125 -16.38 -11.38 -4.86
CA ALA A 125 -16.13 -12.67 -4.25
C ALA A 125 -16.65 -12.56 -2.83
N ASN A 126 -16.97 -13.68 -2.21
CA ASN A 126 -17.49 -13.69 -0.86
C ASN A 126 -17.46 -15.08 -0.23
N ALA A 127 -17.66 -15.12 1.08
CA ALA A 127 -17.81 -16.37 1.83
C ALA A 127 -19.26 -16.54 2.28
N GLY A 128 -20.21 -16.32 1.37
CA GLY A 128 -21.60 -16.42 1.71
C GLY A 128 -22.22 -15.06 2.04
N PRO A 129 -23.54 -15.02 2.20
CA PRO A 129 -24.29 -13.77 2.32
C PRO A 129 -23.71 -12.74 3.28
N GLY A 130 -23.75 -11.47 2.89
CA GLY A 130 -23.23 -10.38 3.71
C GLY A 130 -21.72 -10.40 4.04
N THR A 131 -20.87 -10.92 3.14
CA THR A 131 -19.45 -11.02 3.45
C THR A 131 -18.53 -10.33 2.47
N ASN A 132 -19.09 -9.49 1.62
CA ASN A 132 -18.31 -8.68 0.71
C ASN A 132 -17.26 -7.83 1.45
N GLY A 133 -16.03 -7.80 0.92
CA GLY A 133 -15.01 -6.90 1.40
C GLY A 133 -14.39 -6.14 0.24
N SER A 134 -13.29 -6.69 -0.27
CA SER A 134 -12.50 -6.12 -1.36
C SER A 134 -12.26 -7.03 -2.54
N GLN A 135 -12.33 -8.35 -2.33
CA GLN A 135 -12.05 -9.32 -3.39
C GLN A 135 -13.16 -9.29 -4.42
N PHE A 136 -12.79 -9.29 -5.69
CA PHE A 136 -13.72 -9.32 -6.80
C PHE A 136 -13.25 -10.34 -7.83
N PHE A 137 -14.10 -10.59 -8.83
CA PHE A 137 -13.72 -11.48 -9.89
C PHE A 137 -14.33 -11.05 -11.20
N ILE A 138 -13.74 -11.52 -12.31
CA ILE A 138 -14.25 -11.24 -13.65
C ILE A 138 -14.53 -12.58 -14.33
N THR A 139 -15.75 -12.79 -14.78
CA THR A 139 -16.06 -14.08 -15.38
C THR A 139 -15.52 -14.13 -16.80
N VAL A 140 -15.28 -15.35 -17.25
CA VAL A 140 -14.74 -15.58 -18.55
C VAL A 140 -15.74 -16.45 -19.32
N GLY A 141 -16.89 -16.72 -18.72
CA GLY A 141 -17.96 -17.48 -19.34
C GLY A 141 -19.27 -17.23 -18.63
N LYS A 142 -20.36 -17.86 -19.12
CA LYS A 142 -21.66 -17.81 -18.45
C LYS A 142 -21.55 -18.61 -17.18
N THR A 143 -22.02 -18.06 -16.06
CA THR A 143 -21.96 -18.76 -14.76
C THR A 143 -23.26 -18.57 -13.97
N PRO A 144 -24.38 -19.15 -14.45
CA PRO A 144 -25.70 -18.91 -13.87
C PRO A 144 -25.85 -19.45 -12.44
N HIS A 145 -25.05 -20.44 -12.05
CA HIS A 145 -25.05 -20.96 -10.66
C HIS A 145 -24.58 -19.91 -9.62
N LEU A 146 -24.03 -18.78 -10.08
CA LEU A 146 -23.60 -17.70 -9.19
C LEU A 146 -24.67 -16.62 -9.04
N ASN A 147 -25.72 -16.71 -9.84
CA ASN A 147 -26.90 -15.83 -9.71
C ASN A 147 -27.43 -15.73 -8.28
N ARG A 148 -27.54 -14.51 -7.79
CA ARG A 148 -28.05 -14.27 -6.45
C ARG A 148 -27.17 -14.88 -5.35
N ARG A 149 -25.89 -15.03 -5.65
CA ARG A 149 -24.90 -15.35 -4.63
C ARG A 149 -23.77 -14.31 -4.64
N HIS A 150 -23.59 -13.62 -5.77
CA HIS A 150 -22.53 -12.65 -5.91
C HIS A 150 -23.05 -11.40 -6.56
N THR A 151 -22.70 -10.24 -5.98
CA THR A 151 -23.11 -8.94 -6.50
C THR A 151 -22.41 -8.66 -7.82
N ILE A 152 -23.17 -8.48 -8.90
CA ILE A 152 -22.61 -7.98 -10.13
C ILE A 152 -22.61 -6.47 -10.00
N PHE A 153 -21.49 -5.85 -10.36
CA PHE A 153 -21.39 -4.42 -10.32
C PHE A 153 -20.59 -3.82 -11.45
N GLY A 154 -20.43 -4.56 -12.54
CA GLY A 154 -19.67 -4.08 -13.67
C GLY A 154 -19.52 -5.06 -14.81
N GLU A 155 -18.99 -4.56 -15.92
CA GLU A 155 -18.84 -5.37 -17.12
C GLU A 155 -17.72 -4.80 -17.95
N VAL A 156 -16.90 -5.66 -18.54
CA VAL A 156 -15.79 -5.13 -19.33
C VAL A 156 -16.29 -4.67 -20.72
N ILE A 157 -15.96 -3.42 -21.04
CA ILE A 157 -16.49 -2.67 -22.21
C ILE A 157 -15.96 -3.19 -23.54
N ASP A 158 -14.69 -2.85 -23.82
CA ASP A 158 -14.07 -3.03 -25.13
C ASP A 158 -13.60 -4.46 -25.35
N ALA A 159 -13.36 -4.80 -26.61
CA ALA A 159 -12.93 -6.14 -26.99
C ALA A 159 -11.49 -6.42 -26.64
N GLU A 160 -10.67 -5.38 -26.56
CA GLU A 160 -9.26 -5.60 -26.23
C GLU A 160 -9.05 -5.98 -24.77
N SER A 161 -9.78 -5.31 -23.87
CA SER A 161 -9.80 -5.63 -22.45
C SER A 161 -10.30 -7.05 -22.21
N GLN A 162 -11.30 -7.49 -22.98
CA GLN A 162 -11.83 -8.87 -22.90
C GLN A 162 -10.76 -9.88 -23.24
N ARG A 163 -9.86 -9.48 -24.12
CA ARG A 163 -8.74 -10.35 -24.51
C ARG A 163 -7.67 -10.52 -23.43
N VAL A 164 -7.37 -9.42 -22.73
CA VAL A 164 -6.45 -9.43 -21.60
C VAL A 164 -7.00 -10.34 -20.52
N VAL A 165 -8.28 -10.17 -20.21
CA VAL A 165 -8.95 -11.00 -19.20
C VAL A 165 -8.89 -12.46 -19.63
N GLU A 166 -9.12 -12.69 -20.92
CA GLU A 166 -9.03 -14.05 -21.47
C GLU A 166 -7.63 -14.64 -21.29
N ALA A 167 -6.61 -13.87 -21.66
CA ALA A 167 -5.23 -14.33 -21.60
C ALA A 167 -4.84 -14.62 -20.16
N ILE A 168 -5.22 -13.73 -19.24
CA ILE A 168 -5.00 -13.94 -17.80
C ILE A 168 -5.65 -15.24 -17.37
N SER A 169 -6.86 -15.53 -17.84
CA SER A 169 -7.53 -16.76 -17.40
C SER A 169 -6.81 -18.02 -17.85
N LYS A 170 -6.07 -17.93 -18.96
CA LYS A 170 -5.38 -19.08 -19.55
C LYS A 170 -3.97 -19.29 -19.03
N THR A 171 -3.52 -18.44 -18.12
CA THR A 171 -2.13 -18.48 -17.64
C THR A 171 -1.92 -19.73 -16.83
N ALA A 172 -0.66 -20.16 -16.74
CA ALA A 172 -0.33 -21.38 -16.01
C ALA A 172 -0.52 -21.16 -14.53
N THR A 173 -1.05 -22.16 -13.84
CA THR A 173 -1.29 -22.06 -12.40
C THR A 173 -0.84 -23.31 -11.66
N ASP A 174 -0.56 -23.16 -10.36
CA ASP A 174 -0.23 -24.28 -9.50
C ASP A 174 -1.51 -25.05 -9.14
N GLY A 175 -1.39 -26.02 -8.24
CA GLY A 175 -2.52 -26.87 -7.88
C GLY A 175 -3.63 -26.22 -7.05
N ASN A 176 -3.37 -25.00 -6.56
CA ASN A 176 -4.35 -24.18 -5.83
C ASN A 176 -4.99 -23.08 -6.69
N ASP A 177 -4.78 -23.17 -8.00
CA ASP A 177 -5.28 -22.18 -8.96
C ASP A 177 -4.62 -20.80 -8.87
N ARG A 178 -3.51 -20.70 -8.15
CA ARG A 178 -2.75 -19.46 -8.08
C ARG A 178 -1.79 -19.40 -9.29
N PRO A 179 -1.76 -18.32 -10.05
CA PRO A 179 -0.83 -18.22 -11.20
C PRO A 179 0.62 -18.37 -10.77
N THR A 180 1.44 -19.07 -11.55
CA THR A 180 2.87 -19.19 -11.22
C THR A 180 3.63 -17.92 -11.53
N ASP A 181 3.20 -17.23 -12.58
CA ASP A 181 3.67 -15.88 -12.87
C ASP A 181 2.67 -14.80 -12.38
N PRO A 182 3.01 -14.07 -11.31
CA PRO A 182 2.04 -13.16 -10.69
C PRO A 182 1.41 -12.16 -11.66
N VAL A 183 0.08 -12.11 -11.65
CA VAL A 183 -0.70 -11.11 -12.37
C VAL A 183 -1.02 -9.99 -11.37
N VAL A 184 -0.42 -8.83 -11.58
CA VAL A 184 -0.37 -7.75 -10.59
C VAL A 184 -1.19 -6.56 -11.08
N ILE A 185 -2.14 -6.12 -10.27
CA ILE A 185 -2.81 -4.86 -10.53
C ILE A 185 -1.91 -3.74 -10.07
N GLU A 186 -1.29 -3.04 -11.03
CA GLU A 186 -0.32 -2.00 -10.72
C GLU A 186 -0.98 -0.76 -10.25
N SER A 187 -2.12 -0.43 -10.84
CA SER A 187 -2.95 0.65 -10.30
C SER A 187 -4.33 0.63 -10.94
N ILE A 188 -5.19 1.54 -10.53
CA ILE A 188 -6.56 1.65 -11.04
C ILE A 188 -6.99 3.10 -11.29
N THR A 189 -7.26 3.43 -12.54
CA THR A 189 -7.82 4.72 -12.91
C THR A 189 -9.36 4.67 -12.84
N ILE A 190 -9.97 5.65 -12.19
CA ILE A 190 -11.41 5.86 -12.28
C ILE A 190 -11.71 7.03 -13.21
N SER A 191 -12.83 6.97 -13.91
CA SER A 191 -13.27 8.04 -14.79
C SER A 191 -14.71 7.81 -15.28
N LEU B 21 20.30 10.55 26.59
CA LEU B 21 18.98 9.99 26.19
C LEU B 21 19.07 8.76 25.30
N ALA B 22 20.03 8.75 24.38
CA ALA B 22 20.13 7.72 23.33
C ALA B 22 20.63 6.38 23.82
N THR B 23 20.05 5.30 23.28
CA THR B 23 20.46 3.93 23.65
C THR B 23 21.09 3.15 22.49
N ALA B 24 21.18 3.75 21.33
CA ALA B 24 21.75 3.11 20.14
C ALA B 24 21.83 4.14 19.05
N THR B 25 22.66 3.88 18.05
CA THR B 25 22.91 4.81 16.97
C THR B 25 22.63 4.12 15.65
N ALA B 26 22.03 4.84 14.70
CA ALA B 26 21.82 4.31 13.37
C ALA B 26 22.43 5.27 12.38
N THR B 27 23.01 4.72 11.33
CA THR B 27 23.54 5.51 10.22
C THR B 27 22.84 5.10 8.93
N LEU B 28 22.11 6.03 8.33
CA LEU B 28 21.55 5.83 7.01
C LEU B 28 22.65 6.16 5.98
N HIS B 29 23.21 5.15 5.31
CA HIS B 29 24.17 5.37 4.20
C HIS B 29 23.41 5.67 2.89
N THR B 30 23.17 6.95 2.61
CA THR B 30 22.49 7.28 1.38
C THR B 30 23.49 7.68 0.30
N ASN B 31 23.00 7.71 -0.93
CA ASN B 31 23.74 8.18 -2.10
C ASN B 31 23.99 9.68 -2.08
N ARG B 32 23.44 10.39 -1.09
CA ARG B 32 23.72 11.81 -0.91
C ARG B 32 24.49 12.08 0.40
N GLY B 33 24.86 11.02 1.11
CA GLY B 33 25.64 11.11 2.33
C GLY B 33 25.12 10.26 3.48
N ASP B 34 25.92 10.18 4.53
CA ASP B 34 25.54 9.47 5.75
C ASP B 34 24.74 10.37 6.69
N ILE B 35 23.78 9.76 7.39
CA ILE B 35 23.01 10.41 8.44
C ILE B 35 23.09 9.54 9.70
N LYS B 36 23.94 9.95 10.64
CA LYS B 36 24.00 9.33 11.96
C LYS B 36 22.85 9.88 12.81
N ILE B 37 22.07 8.98 13.39
CA ILE B 37 20.92 9.34 14.20
C ILE B 37 21.03 8.63 15.54
N ALA B 38 20.83 9.38 16.62
CA ALA B 38 20.69 8.78 17.94
C ALA B 38 19.25 8.28 18.09
N LEU B 39 19.10 7.05 18.57
CA LEU B 39 17.79 6.43 18.80
C LEU B 39 17.44 6.45 20.29
N PHE B 40 16.19 6.78 20.58
CA PHE B 40 15.67 6.94 21.94
C PHE B 40 14.93 5.67 22.40
N GLY B 41 15.70 4.60 22.60
CA GLY B 41 15.15 3.29 22.96
C GLY B 41 14.38 3.22 24.26
N ASN B 42 14.68 4.10 25.21
CA ASN B 42 13.97 4.12 26.51
C ASN B 42 12.67 4.91 26.44
N HIS B 43 12.60 5.89 25.55
CA HIS B 43 11.39 6.69 25.41
C HIS B 43 10.35 6.06 24.46
N ALA B 44 10.82 5.42 23.40
CA ALA B 44 9.96 4.80 22.40
C ALA B 44 10.51 3.41 22.07
N PRO B 45 10.44 2.49 23.05
CA PRO B 45 11.05 1.16 22.93
C PRO B 45 10.55 0.34 21.77
N LYS B 46 9.24 0.32 21.54
CA LYS B 46 8.66 -0.48 20.44
C LYS B 46 8.96 0.07 19.05
N THR B 47 8.93 1.41 18.92
CA THR B 47 9.23 2.10 17.67
C THR B 47 10.70 1.95 17.25
N VAL B 48 11.62 2.08 18.21
CA VAL B 48 13.06 1.92 17.99
C VAL B 48 13.35 0.47 17.66
N ALA B 49 12.68 -0.43 18.39
CA ALA B 49 12.85 -1.86 18.20
C ALA B 49 12.35 -2.22 16.80
N ASN B 50 11.24 -1.60 16.37
CA ASN B 50 10.71 -1.81 15.02
C ASN B 50 11.68 -1.30 13.95
N PHE B 51 12.15 -0.06 14.08
CA PHE B 51 13.11 0.50 13.12
C PHE B 51 14.42 -0.35 13.02
N VAL B 52 14.99 -0.70 14.17
CA VAL B 52 16.22 -1.51 14.19
C VAL B 52 15.95 -2.90 13.58
N GLY B 53 14.87 -3.52 14.02
CA GLY B 53 14.43 -4.78 13.44
C GLY B 53 14.36 -4.75 11.92
N LEU B 54 13.66 -3.79 11.35
CA LEU B 54 13.51 -3.76 9.88
C LEU B 54 14.86 -3.47 9.24
N ALA B 55 15.61 -2.54 9.82
CA ALA B 55 16.91 -2.12 9.28
C ALA B 55 17.84 -3.33 9.08
N GLN B 56 17.86 -4.22 10.08
CA GLN B 56 18.76 -5.38 10.13
C GLN B 56 18.22 -6.66 9.48
N GLY B 57 16.92 -6.74 9.24
CA GLY B 57 16.32 -7.92 8.66
C GLY B 57 15.94 -8.95 9.70
N THR B 58 15.86 -8.47 10.94
CA THR B 58 15.52 -9.27 12.11
C THR B 58 14.03 -9.37 12.34
N LYS B 59 13.29 -8.33 11.93
CA LYS B 59 11.86 -8.27 12.13
C LYS B 59 11.22 -9.10 11.06
N ASP B 60 10.10 -9.67 11.48
CA ASP B 60 9.25 -10.46 10.64
C ASP B 60 8.29 -9.48 9.95
N TYR B 61 8.55 -9.18 8.69
CA TYR B 61 7.62 -8.42 7.88
C TYR B 61 7.02 -9.30 6.77
N SER B 62 5.80 -8.96 6.32
CA SER B 62 5.07 -9.82 5.43
C SER B 62 4.93 -9.31 4.01
N THR B 63 5.39 -8.10 3.71
CA THR B 63 5.43 -7.63 2.33
C THR B 63 6.79 -7.92 1.73
N GLN B 64 7.10 -7.24 0.63
CA GLN B 64 8.45 -7.21 0.12
C GLN B 64 9.20 -6.04 0.71
N ASN B 65 10.53 -6.18 0.76
CA ASN B 65 11.43 -5.12 1.21
C ASN B 65 11.63 -4.20 0.03
N ALA B 66 12.40 -3.13 0.22
CA ALA B 66 12.61 -2.13 -0.85
C ALA B 66 13.44 -2.64 -2.02
N SER B 67 14.04 -3.84 -1.90
CA SER B 67 14.74 -4.50 -3.02
C SER B 67 13.86 -5.52 -3.77
N GLY B 68 12.61 -5.68 -3.37
CA GLY B 68 11.70 -6.60 -4.03
C GLY B 68 11.79 -8.05 -3.54
N GLY B 69 12.57 -8.32 -2.51
CA GLY B 69 12.72 -9.69 -2.02
C GLY B 69 12.02 -9.94 -0.70
N PRO B 70 11.92 -11.22 -0.29
CA PRO B 70 11.09 -11.63 0.88
C PRO B 70 11.76 -11.51 2.24
N SER B 71 13.07 -11.27 2.29
CA SER B 71 13.77 -11.16 3.59
C SER B 71 15.08 -10.40 3.49
N GLY B 72 15.73 -10.23 4.63
CA GLY B 72 16.94 -9.41 4.74
C GLY B 72 16.61 -7.99 5.22
N PRO B 73 17.64 -7.15 5.27
CA PRO B 73 17.45 -5.72 5.57
C PRO B 73 16.35 -5.08 4.73
N PHE B 74 15.34 -4.56 5.45
CA PHE B 74 14.08 -4.06 4.85
C PHE B 74 14.25 -2.74 4.07
N TYR B 75 15.11 -1.85 4.57
CA TYR B 75 15.23 -0.50 3.99
C TYR B 75 16.28 -0.33 2.90
N ASP B 76 17.05 -1.37 2.58
CA ASP B 76 18.10 -1.23 1.53
C ASP B 76 17.46 -1.01 0.16
N GLY B 77 17.82 0.07 -0.52
CA GLY B 77 17.16 0.47 -1.75
C GLY B 77 15.90 1.31 -1.57
N ALA B 78 15.57 1.67 -0.32
CA ALA B 78 14.42 2.53 -0.06
C ALA B 78 14.74 3.99 -0.37
N VAL B 79 13.80 4.73 -0.94
CA VAL B 79 13.99 6.13 -1.25
C VAL B 79 13.31 7.06 -0.23
N PHE B 80 13.76 8.31 -0.21
CA PHE B 80 13.01 9.40 0.41
C PHE B 80 12.15 9.92 -0.72
N HIS B 81 10.88 9.59 -0.64
CA HIS B 81 9.93 9.85 -1.69
C HIS B 81 9.16 11.16 -1.54
N ARG B 82 9.31 11.82 -0.39
CA ARG B 82 8.55 13.04 -0.07
C ARG B 82 9.50 13.99 0.60
N VAL B 83 9.87 15.05 -0.10
CA VAL B 83 10.77 16.07 0.41
C VAL B 83 10.13 17.44 0.26
N ILE B 84 10.00 18.16 1.36
CA ILE B 84 9.37 19.46 1.36
C ILE B 84 10.32 20.41 2.08
N GLN B 85 10.80 21.41 1.35
CA GLN B 85 11.85 22.33 1.83
C GLN B 85 11.42 23.05 3.09
N GLY B 86 12.29 23.13 4.09
CA GLY B 86 11.93 23.76 5.36
C GLY B 86 10.86 23.05 6.18
N PHE B 87 10.56 21.78 5.90
CA PHE B 87 9.58 21.02 6.67
C PHE B 87 10.26 19.70 7.10
N MET B 88 10.35 18.74 6.17
CA MET B 88 10.93 17.43 6.46
C MET B 88 11.28 16.61 5.22
N ILE B 89 12.03 15.51 5.42
CA ILE B 89 12.24 14.47 4.42
C ILE B 89 11.67 13.14 4.93
N GLN B 90 10.91 12.45 4.08
CA GLN B 90 10.16 11.25 4.49
C GLN B 90 10.52 10.08 3.57
N GLY B 91 10.83 8.93 4.15
CA GLY B 91 11.04 7.73 3.37
C GLY B 91 10.67 6.46 4.11
N GLY B 92 11.26 5.34 3.71
CA GLY B 92 11.02 4.06 4.36
C GLY B 92 9.81 3.28 3.85
N ASP B 93 9.23 3.68 2.74
CA ASP B 93 8.21 2.89 2.07
C ASP B 93 8.88 1.92 1.10
N PRO B 94 8.68 0.60 1.26
CA PRO B 94 9.31 -0.35 0.34
C PRO B 94 8.91 -0.18 -1.10
N THR B 95 7.74 0.37 -1.38
CA THR B 95 7.32 0.65 -2.76
C THR B 95 7.74 2.05 -3.22
N GLY B 96 8.16 2.89 -2.29
CA GLY B 96 8.57 4.24 -2.61
C GLY B 96 7.45 5.17 -3.06
N THR B 97 6.19 4.81 -2.79
CA THR B 97 5.02 5.56 -3.28
C THR B 97 4.37 6.41 -2.19
N GLY B 98 4.58 6.03 -0.93
CA GLY B 98 3.88 6.64 0.19
C GLY B 98 2.67 5.89 0.72
N ARG B 99 2.24 4.84 0.01
CA ARG B 99 1.11 4.01 0.47
C ARG B 99 1.51 2.72 1.20
N GLY B 100 2.79 2.43 1.21
CA GLY B 100 3.26 1.12 1.62
C GLY B 100 3.83 1.07 3.00
N GLY B 101 4.22 -0.15 3.37
CA GLY B 101 4.62 -0.47 4.72
C GLY B 101 5.10 -1.90 4.82
N PRO B 102 5.38 -2.37 6.02
CA PRO B 102 5.88 -3.72 6.22
C PRO B 102 4.77 -4.79 6.38
N GLY B 103 3.51 -4.43 6.16
CA GLY B 103 2.40 -5.36 6.28
C GLY B 103 1.70 -5.38 7.64
N TYR B 104 2.00 -4.43 8.52
CA TYR B 104 1.34 -4.35 9.82
C TYR B 104 1.25 -2.88 10.25
N LYS B 105 0.34 -2.61 11.17
CA LYS B 105 0.26 -1.35 11.88
C LYS B 105 0.74 -1.55 13.32
N PHE B 106 1.22 -0.50 13.99
CA PHE B 106 1.44 -0.58 15.43
C PHE B 106 1.24 0.78 16.12
N ALA B 107 1.14 0.73 17.44
CA ALA B 107 0.77 1.86 18.26
C ALA B 107 1.79 2.98 18.20
N ASP B 108 1.31 4.21 18.39
CA ASP B 108 2.16 5.36 18.66
C ASP B 108 2.79 5.30 20.05
N GLU B 109 3.80 6.12 20.28
CA GLU B 109 4.48 6.21 21.57
C GLU B 109 4.87 7.65 21.85
N PHE B 110 3.96 8.43 22.40
CA PHE B 110 4.27 9.79 22.74
C PHE B 110 4.82 9.83 24.15
N HIS B 111 5.90 10.59 24.31
CA HIS B 111 6.55 10.76 25.59
C HIS B 111 6.56 12.25 25.90
N PRO B 112 6.23 12.66 27.13
CA PRO B 112 6.20 14.09 27.47
C PRO B 112 7.55 14.81 27.27
N GLU B 113 8.67 14.10 27.40
CA GLU B 113 10.01 14.71 27.18
C GLU B 113 10.39 14.90 25.69
N LEU B 114 9.57 14.39 24.77
CA LEU B 114 9.84 14.47 23.33
C LEU B 114 8.78 15.28 22.61
N GLN B 115 9.20 16.38 22.02
CA GLN B 115 8.32 17.20 21.21
C GLN B 115 9.10 17.81 20.04
N PHE B 116 8.38 18.39 19.09
CA PHE B 116 9.00 18.91 17.88
C PHE B 116 9.49 20.38 18.02
N ASP B 117 10.37 20.61 19.00
CA ASP B 117 10.84 21.96 19.31
C ASP B 117 12.27 22.19 18.81
N LYS B 118 12.80 21.25 18.05
CA LYS B 118 14.08 21.45 17.37
C LYS B 118 14.09 20.71 16.04
N PRO B 119 14.95 21.16 15.13
CA PRO B 119 15.05 20.47 13.84
C PRO B 119 15.84 19.17 14.00
N TYR B 120 15.76 18.31 12.99
CA TYR B 120 16.59 17.10 12.89
C TYR B 120 16.10 15.98 13.81
N LEU B 121 14.76 15.85 13.86
CA LEU B 121 14.11 14.79 14.64
C LEU B 121 13.61 13.64 13.75
N LEU B 122 13.98 12.42 14.08
CA LEU B 122 13.47 11.23 13.43
C LEU B 122 12.14 10.90 14.08
N ALA B 123 11.10 10.76 13.26
CA ALA B 123 9.76 10.43 13.72
C ALA B 123 9.07 9.51 12.73
N MET B 124 7.93 8.92 13.10
CA MET B 124 7.20 7.99 12.25
C MET B 124 6.14 8.73 11.48
N ALA B 125 6.13 8.55 10.16
CA ALA B 125 5.03 8.98 9.32
C ALA B 125 3.84 8.07 9.58
N ASN B 126 2.63 8.58 9.36
CA ASN B 126 1.43 7.79 9.61
C ASN B 126 0.17 8.34 8.91
N ALA B 127 -0.86 7.52 8.85
CA ALA B 127 -2.18 7.97 8.38
C ALA B 127 -3.16 8.17 9.55
N GLY B 128 -2.70 8.80 10.63
CA GLY B 128 -3.51 8.96 11.83
C GLY B 128 -3.15 7.93 12.90
N PRO B 129 -3.77 8.04 14.07
CA PRO B 129 -3.45 7.18 15.23
C PRO B 129 -3.39 5.69 14.96
N GLY B 130 -2.41 5.01 15.56
CA GLY B 130 -2.22 3.58 15.40
C GLY B 130 -1.90 3.06 14.01
N THR B 131 -1.25 3.86 13.17
CA THR B 131 -0.98 3.41 11.79
C THR B 131 0.48 3.35 11.39
N ASN B 132 1.35 3.40 12.38
CA ASN B 132 2.77 3.24 12.15
C ASN B 132 3.09 1.92 11.45
N GLY B 133 4.01 1.98 10.49
CA GLY B 133 4.52 0.78 9.82
C GLY B 133 6.03 0.87 9.68
N SER B 134 6.48 1.39 8.55
CA SER B 134 7.91 1.54 8.24
C SER B 134 8.33 2.93 7.75
N GLN B 135 7.39 3.76 7.31
CA GLN B 135 7.73 5.11 6.86
C GLN B 135 8.10 6.01 8.03
N PHE B 136 9.22 6.71 7.89
CA PHE B 136 9.67 7.68 8.88
C PHE B 136 10.00 8.99 8.20
N PHE B 137 10.31 10.01 8.99
CA PHE B 137 10.73 11.27 8.43
C PHE B 137 11.72 11.96 9.36
N ILE B 138 12.43 12.94 8.83
CA ILE B 138 13.38 13.75 9.59
C ILE B 138 13.06 15.22 9.40
N THR B 139 12.82 15.92 10.49
CA THR B 139 12.41 17.33 10.36
C THR B 139 13.62 18.19 10.06
N VAL B 140 13.34 19.30 9.41
CA VAL B 140 14.38 20.25 9.02
C VAL B 140 14.07 21.62 9.70
N GLY B 141 13.05 21.62 10.53
CA GLY B 141 12.67 22.80 11.29
C GLY B 141 11.83 22.40 12.51
N LYS B 142 11.39 23.41 13.24
CA LYS B 142 10.43 23.23 14.32
C LYS B 142 9.05 22.94 13.73
N THR B 143 8.40 21.88 14.20
CA THR B 143 7.08 21.51 13.68
C THR B 143 6.16 21.13 14.85
N PRO B 144 5.75 22.10 15.66
CA PRO B 144 4.94 21.82 16.86
C PRO B 144 3.53 21.30 16.52
N HIS B 145 3.02 21.61 15.32
CA HIS B 145 1.74 21.04 14.92
C HIS B 145 1.72 19.51 14.82
N LEU B 146 2.89 18.87 14.85
CA LEU B 146 3.01 17.44 14.75
C LEU B 146 3.06 16.78 16.13
N ASN B 147 3.21 17.59 17.18
CA ASN B 147 3.16 17.11 18.57
C ASN B 147 1.97 16.22 18.87
N ARG B 148 2.24 15.04 19.36
CA ARG B 148 1.21 14.09 19.73
C ARG B 148 0.41 13.54 18.55
N ARG B 149 1.00 13.60 17.36
CA ARG B 149 0.45 12.96 16.18
C ARG B 149 1.49 12.00 15.58
N HIS B 150 2.76 12.26 15.82
CA HIS B 150 3.81 11.42 15.31
C HIS B 150 4.79 11.04 16.41
N THR B 151 5.16 9.76 16.45
CA THR B 151 6.13 9.28 17.41
C THR B 151 7.52 9.83 17.09
N ILE B 152 8.11 10.57 18.03
CA ILE B 152 9.53 10.88 17.92
C ILE B 152 10.29 9.72 18.49
N PHE B 153 11.30 9.23 17.77
CA PHE B 153 12.14 8.15 18.29
C PHE B 153 13.64 8.31 18.03
N GLY B 154 14.07 9.53 17.73
CA GLY B 154 15.45 9.76 17.39
C GLY B 154 15.79 11.18 17.03
N GLU B 155 17.08 11.44 16.89
CA GLU B 155 17.56 12.80 16.62
C GLU B 155 18.90 12.69 15.94
N VAL B 156 19.18 13.51 14.94
CA VAL B 156 20.48 13.40 14.26
C VAL B 156 21.57 14.12 15.06
N ILE B 157 22.63 13.36 15.36
CA ILE B 157 23.70 13.72 16.31
C ILE B 157 24.62 14.84 15.83
N ASP B 158 25.45 14.52 14.84
CA ASP B 158 26.54 15.39 14.41
C ASP B 158 26.09 16.42 13.41
N ALA B 159 26.90 17.46 13.25
CA ALA B 159 26.56 18.60 12.41
C ALA B 159 26.69 18.26 10.93
N GLU B 160 27.51 17.27 10.61
CA GLU B 160 27.68 16.87 9.22
C GLU B 160 26.48 16.10 8.64
N SER B 161 25.94 15.20 9.45
CA SER B 161 24.70 14.52 9.12
C SER B 161 23.54 15.51 9.00
N GLN B 162 23.50 16.56 9.83
CA GLN B 162 22.46 17.59 9.73
C GLN B 162 22.54 18.33 8.42
N ARG B 163 23.75 18.44 7.88
CA ARG B 163 23.94 19.11 6.58
C ARG B 163 23.46 18.27 5.42
N VAL B 164 23.69 16.95 5.50
CA VAL B 164 23.21 16.00 4.51
C VAL B 164 21.69 16.02 4.47
N VAL B 165 21.07 16.03 5.65
CA VAL B 165 19.61 16.10 5.76
C VAL B 165 19.12 17.40 5.15
N GLU B 166 19.82 18.48 5.43
CA GLU B 166 19.50 19.81 4.89
C GLU B 166 19.58 19.83 3.36
N ALA B 167 20.67 19.29 2.83
CA ALA B 167 20.88 19.27 1.39
C ALA B 167 19.82 18.40 0.69
N ILE B 168 19.49 17.26 1.29
CA ILE B 168 18.40 16.44 0.78
C ILE B 168 17.11 17.24 0.75
N SER B 169 16.81 17.98 1.80
CA SER B 169 15.53 18.73 1.87
C SER B 169 15.42 19.83 0.81
N LYS B 170 16.57 20.31 0.33
CA LYS B 170 16.66 21.36 -0.71
C LYS B 170 16.74 20.82 -2.13
N THR B 171 16.69 19.52 -2.32
CA THR B 171 16.81 18.98 -3.67
C THR B 171 15.59 19.33 -4.53
N ALA B 172 15.75 19.31 -5.84
CA ALA B 172 14.64 19.63 -6.75
C ALA B 172 13.60 18.51 -6.68
N THR B 173 12.32 18.88 -6.71
CA THR B 173 11.23 17.90 -6.65
C THR B 173 10.13 18.20 -7.67
N ASP B 174 9.37 17.18 -8.05
CA ASP B 174 8.23 17.36 -8.95
C ASP B 174 7.05 17.93 -8.16
N GLY B 175 5.88 18.00 -8.79
CA GLY B 175 4.71 18.64 -8.19
C GLY B 175 4.07 17.86 -7.05
N ASN B 176 4.49 16.61 -6.86
CA ASN B 176 4.03 15.75 -5.76
C ASN B 176 5.04 15.66 -4.60
N ASP B 177 6.03 16.54 -4.61
CA ASP B 177 7.11 16.56 -3.61
C ASP B 177 8.07 15.36 -3.69
N ARG B 178 8.03 14.59 -4.77
CA ARG B 178 8.99 13.49 -4.95
C ARG B 178 10.25 14.01 -5.63
N PRO B 179 11.44 13.73 -5.10
CA PRO B 179 12.68 14.21 -5.72
C PRO B 179 12.86 13.71 -7.14
N THR B 180 13.28 14.57 -8.07
CA THR B 180 13.52 14.14 -9.46
C THR B 180 14.76 13.28 -9.54
N ASP B 181 15.76 13.59 -8.71
CA ASP B 181 16.93 12.74 -8.57
C ASP B 181 16.82 11.85 -7.31
N PRO B 182 16.60 10.55 -7.48
CA PRO B 182 16.26 9.70 -6.33
C PRO B 182 17.29 9.77 -5.21
N VAL B 183 16.82 9.98 -3.99
CA VAL B 183 17.62 9.89 -2.78
C VAL B 183 17.42 8.49 -2.18
N VAL B 184 18.45 7.66 -2.26
CA VAL B 184 18.35 6.22 -2.02
C VAL B 184 19.08 5.80 -0.75
N ILE B 185 18.36 5.18 0.19
CA ILE B 185 19.00 4.60 1.36
C ILE B 185 19.65 3.28 0.91
N GLU B 186 20.98 3.26 0.80
CA GLU B 186 21.71 2.10 0.28
C GLU B 186 21.82 1.02 1.33
N SER B 187 22.03 1.44 2.58
CA SER B 187 21.94 0.52 3.71
C SER B 187 21.92 1.29 5.04
N ILE B 188 21.81 0.53 6.13
CA ILE B 188 21.71 1.10 7.47
C ILE B 188 22.56 0.28 8.43
N THR B 189 23.54 0.93 9.04
CA THR B 189 24.33 0.35 10.13
C THR B 189 23.70 0.69 11.46
N ILE B 190 23.49 -0.32 12.31
CA ILE B 190 23.12 -0.07 13.72
C ILE B 190 24.36 -0.24 14.61
N SER B 191 24.42 0.52 15.71
CA SER B 191 25.53 0.41 16.67
C SER B 191 25.26 1.17 17.99
#